data_4OJM
#
_entry.id   4OJM
#
_cell.length_a   104.880
_cell.length_b   73.210
_cell.length_c   56.790
_cell.angle_alpha   90.00
_cell.angle_beta   111.35
_cell.angle_gamma   90.00
#
_symmetry.space_group_name_H-M   'C 1 2 1'
#
loop_
_entity.id
_entity.type
_entity.pdbx_description
1 polymer 'Tyrosine--tRNA ligase, mitochondrial'
2 non-polymer TYROSINE
3 water water
#
_entity_poly.entity_id   1
_entity_poly.type   'polypeptide(L)'
_entity_poly.pdbx_seq_one_letter_code
;MLRREFGPKYTAKINEAEENWQARAEAIKKGKKQNTWDLFEERGYVKDTAGTKEHIAELMRTRRIGAYVGIDPTAPSLHV
GHLLPLMPLFWMYLEGYKAFTLIGGSTAKIGDPTGRLKSRDHLSSSDATMNMTKIHYQLKKLWENVDTQMRARGYEADWA
RKRGIVNNNHWWNKQPMLEVLRRVGHALRIGPMLSRDTVKNKMTQGDGVSFAEFTYPIMQGWDWFELFYQQGVQMQIGGS
DQYGNIISGLEVVKAARESEPDPQERKYVTPKTALDECVGFTVPLLTDSSGAKFGKSAGNAIWLDPYQTSVFDFYGYFVR
RSDQEVENLLKLFTFMPISEITKTMEEHIKDPSKRVAQHTLAREVVTLVHGKQEASAAEDQHRMMYTGQMTI
;
_entity_poly.pdbx_strand_id   X
#
# COMPACT_ATOMS: atom_id res chain seq x y z
N MET A 1 -21.67 -5.18 12.06
CA MET A 1 -22.64 -4.83 10.96
CA MET A 1 -22.68 -4.85 11.01
C MET A 1 -23.02 -6.06 10.14
N LEU A 2 -24.27 -6.10 9.69
CA LEU A 2 -24.79 -7.21 8.89
C LEU A 2 -24.15 -7.23 7.52
N ARG A 3 -24.06 -8.42 6.95
CA ARG A 3 -23.63 -8.60 5.58
C ARG A 3 -24.79 -8.24 4.65
N ARG A 4 -24.50 -7.60 3.53
CA ARG A 4 -25.52 -7.26 2.54
C ARG A 4 -26.09 -8.52 1.87
N GLU A 5 -27.26 -8.38 1.27
CA GLU A 5 -27.91 -9.50 0.57
C GLU A 5 -27.26 -9.73 -0.79
N PHE A 6 -27.14 -11.01 -1.17
CA PHE A 6 -26.68 -11.41 -2.50
C PHE A 6 -27.49 -12.63 -2.95
N GLY A 7 -27.24 -13.10 -4.17
CA GLY A 7 -27.91 -14.29 -4.69
C GLY A 7 -27.46 -15.56 -3.96
N PRO A 8 -28.20 -16.67 -4.14
CA PRO A 8 -27.89 -17.91 -3.40
C PRO A 8 -26.52 -18.51 -3.73
N LYS A 9 -26.01 -18.25 -4.93
CA LYS A 9 -24.77 -18.86 -5.43
C LYS A 9 -23.54 -18.12 -4.88
N TYR A 10 -23.59 -16.79 -4.97
CA TYR A 10 -22.58 -15.93 -4.37
C TYR A 10 -22.57 -16.11 -2.85
N THR A 11 -23.76 -16.24 -2.27
CA THR A 11 -23.91 -16.37 -0.82
C THR A 11 -23.18 -17.60 -0.27
N ALA A 12 -23.42 -18.75 -0.89
CA ALA A 12 -22.75 -19.99 -0.51
C ALA A 12 -21.23 -19.82 -0.51
N LYS A 13 -20.71 -19.20 -1.55
CA LYS A 13 -19.28 -18.98 -1.68
C LYS A 13 -18.74 -18.06 -0.59
N ILE A 14 -19.52 -17.04 -0.27
CA ILE A 14 -19.19 -16.13 0.83
C ILE A 14 -19.16 -16.91 2.16
N ASN A 15 -20.13 -17.78 2.38
CA ASN A 15 -20.16 -18.54 3.63
C ASN A 15 -18.97 -19.47 3.77
N GLU A 16 -18.64 -20.20 2.70
CA GLU A 16 -17.47 -21.06 2.68
C GLU A 16 -16.19 -20.27 2.93
N ALA A 17 -16.08 -19.11 2.29
CA ALA A 17 -14.95 -18.22 2.49
C ALA A 17 -14.84 -17.82 3.95
N GLU A 18 -15.97 -17.48 4.57
CA GLU A 18 -16.00 -17.12 5.99
CA GLU A 18 -16.00 -17.10 5.99
C GLU A 18 -15.63 -18.30 6.88
N GLU A 19 -16.12 -19.49 6.52
CA GLU A 19 -15.75 -20.69 7.25
C GLU A 19 -14.24 -20.92 7.14
N ASN A 20 -13.69 -20.79 5.94
CA ASN A 20 -12.26 -20.94 5.73
C ASN A 20 -11.51 -19.90 6.54
N TRP A 21 -11.99 -18.67 6.52
CA TRP A 21 -11.31 -17.63 7.26
C TRP A 21 -11.29 -17.92 8.76
N GLN A 22 -12.37 -18.49 9.29
CA GLN A 22 -12.46 -18.80 10.71
C GLN A 22 -11.57 -19.99 11.13
N ALA A 23 -11.44 -21.00 10.28
CA ALA A 23 -10.46 -22.06 10.51
C ALA A 23 -9.06 -21.46 10.55
N ARG A 24 -8.76 -20.58 9.58
CA ARG A 24 -7.54 -19.79 9.60
C ARG A 24 -7.37 -18.98 10.90
N ALA A 25 -8.44 -18.31 11.32
CA ALA A 25 -8.41 -17.53 12.55
C ALA A 25 -8.06 -18.38 13.76
N GLU A 26 -8.64 -19.58 13.83
CA GLU A 26 -8.38 -20.50 14.92
C GLU A 26 -6.95 -21.07 14.86
N ALA A 27 -6.48 -21.36 13.64
CA ALA A 27 -5.08 -21.78 13.46
C ALA A 27 -4.08 -20.72 13.96
N ILE A 28 -4.39 -19.45 13.71
CA ILE A 28 -3.60 -18.34 14.23
C ILE A 28 -3.63 -18.28 15.75
N LYS A 29 -4.84 -18.38 16.32
CA LYS A 29 -5.00 -18.41 17.77
C LYS A 29 -4.20 -19.54 18.41
N LYS A 30 -4.18 -20.70 17.78
CA LYS A 30 -3.44 -21.85 18.32
C LYS A 30 -1.93 -21.78 17.97
N GLY A 31 -1.52 -20.78 17.20
CA GLY A 31 -0.11 -20.63 16.82
C GLY A 31 0.35 -21.53 15.69
N LYS A 32 -0.58 -22.14 14.97
CA LYS A 32 -0.24 -22.98 13.81
C LYS A 32 0.04 -22.11 12.59
N LYS A 33 -0.49 -20.90 12.60
CA LYS A 33 -0.40 -20.00 11.46
C LYS A 33 -0.05 -18.61 11.97
N GLN A 34 0.89 -17.95 11.30
CA GLN A 34 1.27 -16.59 11.65
C GLN A 34 0.21 -15.61 11.16
N ASN A 35 -0.23 -14.75 12.08
CA ASN A 35 -1.06 -13.61 11.74
C ASN A 35 -0.31 -12.69 10.81
N THR A 36 -0.96 -12.30 9.71
CA THR A 36 -0.36 -11.39 8.76
C THR A 36 0.09 -10.09 9.42
N TRP A 37 -0.59 -9.65 10.46
CA TRP A 37 -0.09 -8.52 11.24
C TRP A 37 1.31 -8.80 11.79
N ASP A 38 1.52 -9.99 12.35
CA ASP A 38 2.84 -10.32 12.92
C ASP A 38 3.88 -10.46 11.79
N LEU A 39 3.45 -10.90 10.62
CA LEU A 39 4.31 -10.86 9.43
C LEU A 39 4.74 -9.41 9.11
N PHE A 40 3.80 -8.47 9.14
CA PHE A 40 4.10 -7.05 8.93
C PHE A 40 5.15 -6.58 9.90
N GLU A 41 4.98 -6.91 11.18
CA GLU A 41 5.95 -6.51 12.18
C GLU A 41 7.31 -7.18 11.93
N GLU A 42 7.32 -8.48 11.64
CA GLU A 42 8.57 -9.20 11.42
C GLU A 42 9.36 -8.69 10.22
N ARG A 43 8.66 -8.34 9.14
CA ARG A 43 9.34 -7.89 7.91
C ARG A 43 9.73 -6.43 7.95
N GLY A 44 9.20 -5.68 8.91
CA GLY A 44 9.60 -4.27 9.14
C GLY A 44 8.68 -3.23 8.49
N TYR A 45 7.46 -3.61 8.14
CA TYR A 45 6.57 -2.69 7.46
C TYR A 45 5.88 -1.67 8.37
N VAL A 46 5.88 -1.89 9.68
CA VAL A 46 5.08 -1.05 10.57
C VAL A 46 5.88 0.11 11.15
N LYS A 47 5.48 1.33 10.78
CA LYS A 47 6.01 2.52 11.41
C LYS A 47 5.02 3.06 12.46
N ASP A 48 3.94 3.70 12.00
CA ASP A 48 2.93 4.26 12.91
C ASP A 48 1.62 3.52 12.65
N THR A 49 0.78 3.40 13.68
CA THR A 49 -0.53 2.77 13.55
C THR A 49 -1.65 3.73 14.00
N ALA A 50 -2.72 3.78 13.20
CA ALA A 50 -3.93 4.49 13.56
C ALA A 50 -4.90 3.40 14.00
N GLY A 51 -4.99 3.22 15.32
CA GLY A 51 -5.58 2.03 15.95
C GLY A 51 -4.45 1.27 16.62
N THR A 52 -4.74 0.59 17.73
CA THR A 52 -3.69 -0.11 18.47
C THR A 52 -3.23 -1.33 17.69
N LYS A 53 -2.01 -1.78 17.95
CA LYS A 53 -1.50 -3.00 17.32
C LYS A 53 -2.39 -4.20 17.61
N GLU A 54 -2.92 -4.25 18.83
CA GLU A 54 -3.74 -5.37 19.28
C GLU A 54 -5.05 -5.38 18.50
N HIS A 55 -5.64 -4.20 18.37
CA HIS A 55 -6.82 -3.96 17.55
C HIS A 55 -6.62 -4.44 16.11
N ILE A 56 -5.56 -3.95 15.48
CA ILE A 56 -5.32 -4.23 14.06
C ILE A 56 -5.05 -5.73 13.89
N ALA A 57 -4.27 -6.31 14.79
CA ALA A 57 -3.97 -7.76 14.77
C ALA A 57 -5.24 -8.62 14.83
N GLU A 58 -6.13 -8.29 15.76
CA GLU A 58 -7.37 -9.04 15.95
C GLU A 58 -8.35 -8.83 14.78
N LEU A 59 -8.44 -7.62 14.25
CA LEU A 59 -9.21 -7.39 13.03
C LEU A 59 -8.71 -8.28 11.91
N MET A 60 -7.39 -8.30 11.71
CA MET A 60 -6.77 -9.08 10.65
C MET A 60 -6.96 -10.58 10.84
N ARG A 61 -6.91 -11.04 12.10
CA ARG A 61 -7.12 -12.44 12.43
C ARG A 61 -8.55 -12.86 12.16
N THR A 62 -9.51 -12.04 12.60
CA THR A 62 -10.90 -12.46 12.63
C THR A 62 -11.68 -12.16 11.36
N ARG A 63 -11.18 -11.25 10.52
CA ARG A 63 -11.93 -10.79 9.34
C ARG A 63 -11.10 -10.71 8.08
N ARG A 64 -11.66 -11.18 6.99
CA ARG A 64 -11.03 -11.02 5.69
C ARG A 64 -11.28 -9.61 5.19
N ILE A 65 -10.58 -8.65 5.79
CA ILE A 65 -10.84 -7.24 5.50
C ILE A 65 -10.33 -6.84 4.12
N GLY A 66 -10.87 -5.73 3.64
CA GLY A 66 -10.28 -5.01 2.54
C GLY A 66 -9.27 -4.01 3.05
N ALA A 67 -8.22 -3.81 2.26
CA ALA A 67 -7.21 -2.77 2.53
C ALA A 67 -6.90 -2.03 1.22
N TYR A 68 -6.33 -0.83 1.33
CA TYR A 68 -5.94 -0.03 0.18
C TYR A 68 -4.74 0.87 0.43
N VAL A 69 -4.09 1.18 -0.69
CA VAL A 69 -3.07 2.18 -0.79
C VAL A 69 -3.51 3.18 -1.87
N GLY A 70 -3.35 4.46 -1.57
CA GLY A 70 -3.64 5.48 -2.55
C GLY A 70 -2.36 5.96 -3.19
N ILE A 71 -2.40 6.20 -4.49
CA ILE A 71 -1.29 6.79 -5.21
C ILE A 71 -1.77 7.96 -6.07
N ASP A 72 -1.18 9.13 -5.86
CA ASP A 72 -1.50 10.31 -6.68
C ASP A 72 -0.65 10.29 -7.95
N PRO A 73 -1.31 10.28 -9.14
CA PRO A 73 -0.56 10.32 -10.41
C PRO A 73 0.04 11.70 -10.71
N THR A 74 1.14 12.01 -10.03
CA THR A 74 1.85 13.27 -10.24
C THR A 74 2.94 13.16 -11.30
N ALA A 75 3.14 11.96 -11.86
CA ALA A 75 4.10 11.74 -12.93
C ALA A 75 3.69 10.50 -13.75
N PRO A 76 4.27 10.33 -14.95
CA PRO A 76 3.86 9.21 -15.82
C PRO A 76 4.29 7.82 -15.34
N SER A 77 5.33 7.75 -14.51
CA SER A 77 5.74 6.49 -13.94
C SER A 77 5.75 6.54 -12.42
N LEU A 78 5.47 5.38 -11.85
CA LEU A 78 5.82 5.11 -10.48
C LEU A 78 7.33 4.90 -10.42
N HIS A 79 7.89 5.00 -9.21
CA HIS A 79 9.27 4.66 -8.95
C HIS A 79 9.34 3.70 -7.77
N VAL A 80 10.54 3.24 -7.44
CA VAL A 80 10.65 2.18 -6.45
C VAL A 80 10.21 2.62 -5.04
N GLY A 81 10.30 3.91 -4.75
CA GLY A 81 9.71 4.50 -3.53
C GLY A 81 8.24 4.14 -3.33
N HIS A 82 7.48 4.11 -4.43
CA HIS A 82 6.08 3.69 -4.36
C HIS A 82 5.91 2.26 -3.93
N LEU A 83 6.91 1.41 -4.15
CA LEU A 83 6.74 -0.01 -3.84
C LEU A 83 6.54 -0.31 -2.36
N LEU A 84 7.09 0.53 -1.49
CA LEU A 84 7.09 0.19 -0.08
C LEU A 84 5.68 0.00 0.52
N PRO A 85 4.76 0.97 0.35
CA PRO A 85 3.42 0.74 0.91
C PRO A 85 2.66 -0.35 0.18
N LEU A 86 3.01 -0.58 -1.08
CA LEU A 86 2.37 -1.64 -1.83
C LEU A 86 2.74 -3.04 -1.34
N MET A 87 3.94 -3.21 -0.78
CA MET A 87 4.39 -4.56 -0.43
C MET A 87 3.50 -5.22 0.64
N PRO A 88 3.21 -4.53 1.77
CA PRO A 88 2.29 -5.18 2.72
C PRO A 88 0.92 -5.42 2.14
N LEU A 89 0.46 -4.52 1.28
CA LEU A 89 -0.78 -4.71 0.56
C LEU A 89 -0.71 -5.98 -0.29
N PHE A 90 0.40 -6.17 -0.98
CA PHE A 90 0.55 -7.37 -1.79
C PHE A 90 0.60 -8.62 -0.90
N TRP A 91 1.25 -8.54 0.25
CA TRP A 91 1.24 -9.66 1.21
C TRP A 91 -0.17 -10.03 1.62
N MET A 92 -0.99 -9.03 1.92
CA MET A 92 -2.40 -9.29 2.29
C MET A 92 -3.10 -10.00 1.16
N TYR A 93 -2.87 -9.52 -0.07
CA TYR A 93 -3.47 -10.15 -1.22
C TYR A 93 -3.04 -11.62 -1.29
N LEU A 94 -1.74 -11.89 -1.16
CA LEU A 94 -1.25 -13.28 -1.15
C LEU A 94 -1.96 -14.13 -0.08
N GLU A 95 -2.17 -13.52 1.08
CA GLU A 95 -2.85 -14.19 2.21
C GLU A 95 -4.36 -14.32 2.09
N GLY A 96 -4.96 -13.71 1.07
CA GLY A 96 -6.38 -13.93 0.77
C GLY A 96 -7.30 -12.80 1.21
N TYR A 97 -6.73 -11.66 1.57
CA TYR A 97 -7.52 -10.45 1.83
C TYR A 97 -7.99 -9.83 0.50
N LYS A 98 -8.73 -8.73 0.62
CA LYS A 98 -9.15 -7.92 -0.52
C LYS A 98 -8.26 -6.67 -0.54
N ALA A 99 -7.58 -6.41 -1.65
CA ALA A 99 -6.54 -5.39 -1.70
C ALA A 99 -6.71 -4.46 -2.90
N PHE A 100 -6.66 -3.16 -2.65
CA PHE A 100 -6.92 -2.18 -3.71
C PHE A 100 -5.83 -1.14 -3.80
N THR A 101 -5.49 -0.78 -5.03
CA THR A 101 -4.63 0.36 -5.28
C THR A 101 -5.53 1.44 -5.85
N LEU A 102 -5.69 2.55 -5.12
CA LEU A 102 -6.53 3.64 -5.53
C LEU A 102 -5.70 4.73 -6.23
N ILE A 103 -6.08 5.09 -7.46
CA ILE A 103 -5.40 6.16 -8.18
C ILE A 103 -6.13 7.44 -7.84
N GLY A 104 -5.37 8.44 -7.41
CA GLY A 104 -5.91 9.73 -7.01
C GLY A 104 -6.06 10.68 -8.20
N GLY A 105 -6.86 10.27 -9.17
CA GLY A 105 -7.06 11.01 -10.41
C GLY A 105 -7.49 12.44 -10.18
N SER A 106 -8.43 12.62 -9.25
CA SER A 106 -8.99 13.94 -8.95
C SER A 106 -8.15 14.68 -7.91
N THR A 107 -7.64 13.93 -6.96
CA THR A 107 -6.94 14.49 -5.81
C THR A 107 -5.48 14.92 -6.16
N ALA A 108 -4.90 14.33 -7.20
CA ALA A 108 -3.60 14.81 -7.70
C ALA A 108 -3.68 16.24 -8.23
N LYS A 109 -4.87 16.65 -8.68
CA LYS A 109 -5.07 18.04 -9.12
C LYS A 109 -5.03 19.04 -7.97
N ILE A 110 -5.35 18.56 -6.76
CA ILE A 110 -5.28 19.37 -5.54
C ILE A 110 -3.87 19.34 -5.00
N GLY A 111 -3.25 18.15 -4.97
CA GLY A 111 -1.89 17.98 -4.50
C GLY A 111 -1.81 17.82 -2.99
N ASP A 112 -1.17 16.74 -2.54
CA ASP A 112 -0.96 16.49 -1.11
C ASP A 112 0.07 17.51 -0.60
N PRO A 113 -0.32 18.37 0.36
CA PRO A 113 0.69 19.29 0.90
C PRO A 113 1.84 18.54 1.58
N THR A 114 3.04 19.12 1.51
CA THR A 114 4.30 18.37 1.68
C THR A 114 4.50 17.81 3.10
N GLY A 115 5.39 18.41 3.89
CA GLY A 115 5.65 17.96 5.25
C GLY A 115 6.51 18.93 6.03
N SER A 124 -0.98 20.45 -16.78
CA SER A 124 -2.16 20.49 -17.63
C SER A 124 -2.87 19.15 -17.66
N SER A 125 -4.19 19.18 -17.87
CA SER A 125 -5.03 17.98 -17.87
C SER A 125 -4.69 17.03 -19.01
N SER A 126 -4.12 17.54 -20.10
CA SER A 126 -3.59 16.68 -21.15
C SER A 126 -2.53 15.75 -20.57
N ASP A 127 -1.55 16.36 -19.88
CA ASP A 127 -0.50 15.60 -19.20
C ASP A 127 -1.03 14.80 -18.00
N ALA A 128 -1.94 15.39 -17.23
CA ALA A 128 -2.47 14.72 -16.02
C ALA A 128 -3.35 13.51 -16.35
N THR A 129 -4.04 13.56 -17.49
CA THR A 129 -4.83 12.43 -17.96
C THR A 129 -3.91 11.35 -18.47
N MET A 130 -2.91 11.74 -19.26
CA MET A 130 -1.88 10.81 -19.73
C MET A 130 -1.20 10.10 -18.54
N ASN A 131 -0.90 10.85 -17.49
CA ASN A 131 -0.28 10.26 -16.30
C ASN A 131 -1.20 9.24 -15.65
N MET A 132 -2.49 9.57 -15.57
CA MET A 132 -3.49 8.66 -15.01
C MET A 132 -3.54 7.33 -15.76
N THR A 133 -3.52 7.44 -17.08
CA THR A 133 -3.56 6.26 -17.96
C THR A 133 -2.33 5.39 -17.75
N LYS A 134 -1.16 6.03 -17.73
CA LYS A 134 0.10 5.32 -17.58
C LYS A 134 0.19 4.66 -16.20
N ILE A 135 -0.28 5.34 -15.14
CA ILE A 135 -0.23 4.74 -13.81
C ILE A 135 -1.14 3.53 -13.70
N HIS A 136 -2.32 3.63 -14.29
CA HIS A 136 -3.24 2.50 -14.33
C HIS A 136 -2.59 1.29 -15.02
N TYR A 137 -2.07 1.53 -16.22
CA TYR A 137 -1.29 0.54 -16.96
C TYR A 137 -0.18 -0.11 -16.12
N GLN A 138 0.60 0.70 -15.43
CA GLN A 138 1.70 0.19 -14.62
C GLN A 138 1.24 -0.63 -13.43
N LEU A 139 0.15 -0.20 -12.79
CA LEU A 139 -0.41 -0.93 -11.68
C LEU A 139 -1.01 -2.25 -12.13
N LYS A 140 -1.67 -2.28 -13.29
CA LYS A 140 -2.17 -3.54 -13.84
C LYS A 140 -1.03 -4.52 -14.10
N LYS A 141 0.04 -3.99 -14.70
CA LYS A 141 1.25 -4.76 -14.98
C LYS A 141 1.89 -5.32 -13.70
N LEU A 142 2.03 -4.46 -12.69
CA LEU A 142 2.59 -4.88 -11.42
C LEU A 142 1.71 -5.92 -10.70
N TRP A 143 0.40 -5.70 -10.70
CA TRP A 143 -0.53 -6.66 -10.12
C TRP A 143 -0.45 -8.05 -10.77
N GLU A 144 -0.28 -8.07 -12.08
CA GLU A 144 -0.08 -9.33 -12.82
C GLU A 144 1.18 -10.07 -12.33
N ASN A 145 2.26 -9.32 -12.09
CA ASN A 145 3.48 -9.90 -11.57
C ASN A 145 3.31 -10.37 -10.12
N VAL A 146 2.51 -9.65 -9.34
CA VAL A 146 2.15 -10.17 -8.01
C VAL A 146 1.47 -11.54 -8.15
N ASP A 147 0.51 -11.67 -9.05
CA ASP A 147 -0.13 -12.98 -9.30
C ASP A 147 0.94 -14.04 -9.63
N THR A 148 1.84 -13.72 -10.54
CA THR A 148 2.93 -14.63 -10.89
C THR A 148 3.71 -15.07 -9.67
N GLN A 149 4.09 -14.11 -8.84
CA GLN A 149 4.82 -14.41 -7.62
C GLN A 149 3.99 -15.19 -6.60
N MET A 150 2.72 -14.83 -6.46
CA MET A 150 1.78 -15.62 -5.64
C MET A 150 1.86 -17.10 -6.01
N ARG A 151 1.75 -17.40 -7.29
CA ARG A 151 1.82 -18.77 -7.77
C ARG A 151 3.19 -19.41 -7.50
N ALA A 152 4.27 -18.65 -7.67
CA ALA A 152 5.62 -19.20 -7.48
C ALA A 152 5.95 -19.44 -6.01
N ARG A 153 5.30 -18.71 -5.10
CA ARG A 153 5.55 -18.83 -3.68
C ARG A 153 4.62 -19.82 -2.96
N GLY A 154 3.86 -20.62 -3.73
CA GLY A 154 3.08 -21.72 -3.15
C GLY A 154 1.73 -21.35 -2.58
N TYR A 155 1.22 -20.14 -2.83
CA TYR A 155 -0.09 -19.75 -2.33
C TYR A 155 -1.16 -20.35 -3.22
N GLU A 156 -2.16 -20.96 -2.60
CA GLU A 156 -3.23 -21.64 -3.33
C GLU A 156 -4.32 -20.67 -3.75
N ALA A 157 -5.11 -21.07 -4.74
CA ALA A 157 -6.21 -20.27 -5.22
C ALA A 157 -7.23 -20.10 -4.10
N ASP A 158 -7.85 -18.92 -4.07
CA ASP A 158 -8.86 -18.61 -3.10
C ASP A 158 -9.89 -17.69 -3.75
N TRP A 159 -11.13 -18.17 -3.87
CA TRP A 159 -12.22 -17.38 -4.44
C TRP A 159 -12.39 -16.00 -3.80
N ALA A 160 -12.16 -15.91 -2.49
CA ALA A 160 -12.42 -14.66 -1.77
C ALA A 160 -11.25 -13.69 -1.81
N ARG A 161 -10.10 -14.14 -2.30
CA ARG A 161 -8.97 -13.26 -2.50
C ARG A 161 -9.38 -12.29 -3.59
N LYS A 162 -9.02 -11.02 -3.45
CA LYS A 162 -9.42 -10.02 -4.45
C LYS A 162 -8.39 -8.91 -4.54
N ARG A 163 -8.17 -8.45 -5.77
CA ARG A 163 -7.38 -7.26 -6.01
C ARG A 163 -8.16 -6.34 -6.92
N GLY A 164 -7.91 -5.05 -6.81
CA GLY A 164 -8.54 -4.10 -7.74
C GLY A 164 -7.77 -2.81 -7.86
N ILE A 165 -8.05 -2.09 -8.94
CA ILE A 165 -7.53 -0.77 -9.18
C ILE A 165 -8.75 0.11 -9.31
N VAL A 166 -8.79 1.15 -8.48
CA VAL A 166 -9.89 2.10 -8.45
C VAL A 166 -9.31 3.51 -8.66
N ASN A 167 -10.06 4.36 -9.34
CA ASN A 167 -9.67 5.75 -9.53
C ASN A 167 -10.70 6.60 -8.82
N ASN A 168 -10.26 7.52 -7.96
CA ASN A 168 -11.24 8.30 -7.18
C ASN A 168 -12.00 9.32 -7.99
N ASN A 169 -11.60 9.55 -9.24
CA ASN A 169 -12.47 10.31 -10.15
C ASN A 169 -13.84 9.64 -10.36
N HIS A 170 -13.94 8.37 -10.02
CA HIS A 170 -15.18 7.62 -10.09
C HIS A 170 -16.26 8.28 -9.24
N TRP A 171 -15.90 8.82 -8.09
CA TRP A 171 -16.85 9.62 -7.30
C TRP A 171 -16.61 11.13 -7.35
N TRP A 172 -15.36 11.58 -7.45
CA TRP A 172 -15.09 13.03 -7.41
C TRP A 172 -15.61 13.82 -8.60
N ASN A 173 -15.77 13.18 -9.75
CA ASN A 173 -16.27 13.93 -10.91
C ASN A 173 -17.63 14.58 -10.64
N LYS A 174 -18.48 13.91 -9.87
CA LYS A 174 -19.82 14.44 -9.57
C LYS A 174 -20.17 14.61 -8.09
N GLN A 175 -19.34 14.13 -7.17
CA GLN A 175 -19.71 14.14 -5.75
C GLN A 175 -20.06 15.55 -5.28
N PRO A 176 -21.32 15.78 -4.90
CA PRO A 176 -21.67 17.11 -4.41
C PRO A 176 -20.95 17.53 -3.14
N MET A 177 -20.52 18.80 -3.13
CA MET A 177 -19.88 19.38 -1.96
C MET A 177 -20.79 19.42 -0.75
N LEU A 178 -22.06 19.76 -0.96
CA LEU A 178 -23.01 19.89 0.15
C LEU A 178 -23.05 18.59 0.96
N GLU A 179 -23.19 17.47 0.27
CA GLU A 179 -23.32 16.18 0.92
C GLU A 179 -22.08 15.86 1.75
N VAL A 180 -20.90 16.12 1.20
CA VAL A 180 -19.66 15.89 1.92
C VAL A 180 -19.66 16.73 3.20
N LEU A 181 -19.99 18.00 3.08
CA LEU A 181 -19.99 18.90 4.24
C LEU A 181 -21.00 18.47 5.31
N ARG A 182 -22.19 18.07 4.87
CA ARG A 182 -23.22 17.64 5.81
C ARG A 182 -22.90 16.30 6.48
N ARG A 183 -22.26 15.38 5.76
CA ARG A 183 -22.01 14.06 6.31
C ARG A 183 -20.79 13.98 7.22
N VAL A 184 -19.78 14.81 6.97
CA VAL A 184 -18.56 14.81 7.79
C VAL A 184 -18.06 16.18 8.26
N GLY A 185 -18.56 17.26 7.66
CA GLY A 185 -18.03 18.60 7.95
C GLY A 185 -18.35 19.14 9.33
N HIS A 186 -19.43 18.69 9.93
CA HIS A 186 -19.78 19.11 11.28
C HIS A 186 -18.96 18.35 12.31
N ALA A 187 -18.49 17.17 11.95
CA ALA A 187 -17.76 16.30 12.86
C ALA A 187 -16.27 16.63 12.92
N LEU A 188 -15.74 17.22 11.86
CA LEU A 188 -14.30 17.49 11.74
C LEU A 188 -13.98 18.92 12.18
N ARG A 189 -13.00 19.05 13.07
CA ARG A 189 -12.64 20.34 13.65
C ARG A 189 -11.35 20.80 13.01
N ILE A 190 -11.23 22.08 12.70
CA ILE A 190 -10.03 22.57 12.00
C ILE A 190 -8.79 22.69 12.90
N GLY A 191 -9.01 22.76 14.21
CA GLY A 191 -7.93 22.88 15.17
C GLY A 191 -6.96 21.73 15.06
N PRO A 192 -7.46 20.49 15.21
CA PRO A 192 -6.63 19.29 15.02
C PRO A 192 -6.02 19.19 13.62
N MET A 193 -6.77 19.62 12.59
CA MET A 193 -6.24 19.63 11.23
C MET A 193 -5.07 20.62 11.16
N LEU A 194 -5.26 21.79 11.77
CA LEU A 194 -4.25 22.84 11.82
C LEU A 194 -3.14 22.55 12.80
N SER A 195 -3.46 21.84 13.88
CA SER A 195 -2.47 21.42 14.87
C SER A 195 -1.85 20.10 14.42
N ARG A 196 -1.25 20.12 13.24
CA ARG A 196 -0.45 19.02 12.73
C ARG A 196 0.72 19.63 11.97
N ASP A 197 1.91 19.04 12.14
CA ASP A 197 3.18 19.64 11.71
C ASP A 197 3.19 20.08 10.24
N THR A 198 2.70 19.21 9.36
CA THR A 198 2.66 19.49 7.92
C THR A 198 1.98 20.85 7.61
N VAL A 199 0.89 21.15 8.31
CA VAL A 199 0.13 22.38 8.09
C VAL A 199 0.87 23.60 8.66
N LYS A 200 1.33 23.48 9.91
CA LYS A 200 2.08 24.57 10.57
C LYS A 200 3.42 24.83 9.88
N ASN A 201 4.09 23.77 9.44
CA ASN A 201 5.33 23.91 8.67
C ASN A 201 5.12 24.78 7.43
N LYS A 202 4.18 24.36 6.59
CA LYS A 202 3.95 25.04 5.30
C LYS A 202 3.37 26.45 5.45
N MET A 203 2.73 26.74 6.59
CA MET A 203 2.18 28.08 6.86
C MET A 203 3.21 29.06 7.43
N THR A 204 4.02 28.60 8.38
CA THR A 204 5.04 29.44 9.01
C THR A 204 6.18 29.75 8.02
N GLN A 205 6.83 28.70 7.52
CA GLN A 205 7.78 28.82 6.42
C GLN A 205 7.20 28.15 5.17
N GLY A 206 7.55 28.66 4.00
CA GLY A 206 6.89 28.23 2.76
C GLY A 206 5.75 29.19 2.46
N ASP A 207 5.12 29.02 1.31
CA ASP A 207 4.15 30.01 0.80
C ASP A 207 2.70 29.77 1.24
N GLY A 208 2.51 29.30 2.48
CA GLY A 208 1.17 29.12 3.04
C GLY A 208 0.44 27.88 2.54
N VAL A 209 -0.80 27.71 2.99
CA VAL A 209 -1.64 26.60 2.51
C VAL A 209 -3.00 27.06 1.93
N SER A 210 -3.24 26.65 0.69
CA SER A 210 -4.48 26.92 -0.01
C SER A 210 -5.64 26.16 0.62
N PHE A 211 -6.85 26.65 0.44
CA PHE A 211 -8.04 25.95 0.91
C PHE A 211 -8.10 24.56 0.29
N ALA A 212 -7.72 24.45 -0.97
CA ALA A 212 -7.72 23.14 -1.64
C ALA A 212 -6.75 22.17 -0.93
N GLU A 213 -5.54 22.65 -0.67
CA GLU A 213 -4.55 21.88 0.09
C GLU A 213 -5.06 21.52 1.49
N PHE A 214 -5.71 22.47 2.15
CA PHE A 214 -6.29 22.23 3.47
C PHE A 214 -7.37 21.15 3.42
N THR A 215 -8.09 21.09 2.29
CA THR A 215 -9.20 20.17 2.10
C THR A 215 -8.78 18.77 1.64
N TYR A 216 -7.56 18.67 1.12
CA TYR A 216 -7.02 17.40 0.60
C TYR A 216 -7.23 16.18 1.52
N PRO A 217 -6.85 16.28 2.81
CA PRO A 217 -7.08 15.11 3.67
C PRO A 217 -8.57 14.76 3.91
N ILE A 218 -9.49 15.72 3.74
CA ILE A 218 -10.91 15.42 3.83
C ILE A 218 -11.34 14.59 2.60
N MET A 219 -10.79 14.92 1.44
CA MET A 219 -11.11 14.21 0.21
C MET A 219 -10.56 12.80 0.27
N GLN A 220 -9.35 12.68 0.83
CA GLN A 220 -8.70 11.38 0.98
C GLN A 220 -9.50 10.53 1.99
N GLY A 221 -10.06 11.16 3.01
CA GLY A 221 -10.95 10.49 3.95
C GLY A 221 -12.24 10.01 3.31
N TRP A 222 -12.83 10.82 2.45
CA TRP A 222 -14.05 10.45 1.74
C TRP A 222 -13.76 9.29 0.77
N ASP A 223 -12.58 9.31 0.14
CA ASP A 223 -12.11 8.19 -0.67
C ASP A 223 -12.22 6.87 0.13
N TRP A 224 -11.61 6.86 1.31
CA TRP A 224 -11.68 5.71 2.22
C TRP A 224 -13.13 5.35 2.55
N PHE A 225 -13.97 6.34 2.86
CA PHE A 225 -15.41 6.07 3.04
C PHE A 225 -16.03 5.37 1.82
N GLU A 226 -15.71 5.85 0.63
CA GLU A 226 -16.23 5.24 -0.60
C GLU A 226 -15.74 3.79 -0.73
N LEU A 227 -14.47 3.54 -0.42
CA LEU A 227 -13.91 2.16 -0.48
C LEU A 227 -14.47 1.26 0.63
N PHE A 228 -14.72 1.83 1.80
CA PHE A 228 -15.38 1.08 2.85
C PHE A 228 -16.78 0.67 2.38
N TYR A 229 -17.53 1.66 1.91
CA TYR A 229 -18.91 1.46 1.48
C TYR A 229 -18.97 0.43 0.34
N GLN A 230 -18.12 0.60 -0.67
CA GLN A 230 -18.19 -0.22 -1.87
C GLN A 230 -17.52 -1.59 -1.76
N GLN A 231 -16.43 -1.68 -1.01
CA GLN A 231 -15.60 -2.89 -1.04
C GLN A 231 -15.27 -3.46 0.33
N GLY A 232 -15.82 -2.88 1.40
CA GLY A 232 -15.54 -3.36 2.75
C GLY A 232 -14.14 -3.03 3.21
N VAL A 233 -13.53 -1.99 2.65
CA VAL A 233 -12.15 -1.64 2.99
C VAL A 233 -12.11 -0.96 4.35
N GLN A 234 -11.50 -1.66 5.31
CA GLN A 234 -11.38 -1.16 6.65
C GLN A 234 -9.96 -0.66 6.96
N MET A 235 -9.00 -0.89 6.06
CA MET A 235 -7.62 -0.56 6.34
C MET A 235 -7.03 0.27 5.22
N GLN A 236 -6.33 1.33 5.62
CA GLN A 236 -5.48 2.09 4.71
C GLN A 236 -4.03 1.87 5.12
N ILE A 237 -3.20 1.57 4.14
CA ILE A 237 -1.76 1.55 4.30
C ILE A 237 -1.17 2.74 3.56
N GLY A 238 -0.32 3.47 4.25
CA GLY A 238 0.17 4.74 3.74
C GLY A 238 1.67 4.80 3.68
N GLY A 239 2.16 5.68 2.82
CA GLY A 239 3.56 6.05 2.82
C GLY A 239 3.99 6.65 4.15
N SER A 240 5.30 6.73 4.31
CA SER A 240 5.90 7.12 5.57
C SER A 240 5.40 8.46 6.09
N ASP A 241 5.02 9.37 5.18
CA ASP A 241 4.55 10.70 5.54
C ASP A 241 3.02 10.83 5.65
N GLN A 242 2.29 9.72 5.61
CA GLN A 242 0.83 9.74 5.52
C GLN A 242 0.09 9.58 6.85
N TYR A 243 0.78 9.57 7.97
CA TYR A 243 0.14 9.32 9.26
C TYR A 243 -0.98 10.31 9.56
N GLY A 244 -0.68 11.60 9.46
CA GLY A 244 -1.68 12.65 9.66
C GLY A 244 -2.89 12.48 8.77
N ASN A 245 -2.66 12.19 7.48
CA ASN A 245 -3.79 11.97 6.57
C ASN A 245 -4.62 10.75 6.98
N ILE A 246 -3.96 9.70 7.44
CA ILE A 246 -4.68 8.51 7.89
C ILE A 246 -5.53 8.80 9.13
N ILE A 247 -4.99 9.57 10.07
CA ILE A 247 -5.73 9.96 11.27
C ILE A 247 -6.98 10.76 10.88
N SER A 248 -6.80 11.74 9.99
CA SER A 248 -7.92 12.54 9.48
C SER A 248 -8.92 11.70 8.71
N GLY A 249 -8.39 10.81 7.88
CA GLY A 249 -9.21 9.89 7.12
C GLY A 249 -10.11 9.06 8.01
N LEU A 250 -9.56 8.53 9.10
CA LEU A 250 -10.37 7.79 10.06
C LEU A 250 -11.49 8.61 10.63
N GLU A 251 -11.25 9.89 10.90
CA GLU A 251 -12.29 10.77 11.43
C GLU A 251 -13.40 10.99 10.40
N VAL A 252 -13.00 11.17 9.15
CA VAL A 252 -13.96 11.38 8.08
C VAL A 252 -14.82 10.12 7.90
N VAL A 253 -14.18 8.96 7.81
CA VAL A 253 -14.91 7.69 7.65
C VAL A 253 -15.89 7.46 8.81
N LYS A 254 -15.42 7.68 10.03
CA LYS A 254 -16.26 7.53 11.24
C LYS A 254 -17.46 8.47 11.18
N ALA A 255 -17.22 9.72 10.84
CA ALA A 255 -18.29 10.71 10.75
C ALA A 255 -19.34 10.29 9.74
N ALA A 256 -18.86 9.85 8.58
CA ALA A 256 -19.70 9.48 7.47
C ALA A 256 -20.56 8.27 7.83
N ARG A 257 -19.95 7.27 8.45
CA ARG A 257 -20.69 6.07 8.87
C ARG A 257 -21.73 6.39 9.94
N GLU A 258 -21.42 7.31 10.85
CA GLU A 258 -22.34 7.69 11.90
C GLU A 258 -23.48 8.58 11.41
N SER A 259 -23.26 9.33 10.32
CA SER A 259 -24.26 10.27 9.82
C SER A 259 -25.17 9.73 8.72
N GLU A 260 -24.98 8.47 8.31
CA GLU A 260 -25.86 7.85 7.32
C GLU A 260 -27.31 8.00 7.76
N PRO A 261 -28.14 8.70 6.95
CA PRO A 261 -29.52 9.00 7.34
C PRO A 261 -30.53 7.86 7.16
N ASP A 262 -30.32 7.01 6.16
CA ASP A 262 -31.20 5.89 5.88
C ASP A 262 -31.00 4.75 6.88
N PRO A 263 -32.05 4.40 7.68
CA PRO A 263 -31.90 3.30 8.65
C PRO A 263 -31.53 1.94 8.03
N GLN A 264 -31.94 1.69 6.78
CA GLN A 264 -31.57 0.46 6.07
C GLN A 264 -30.09 0.41 5.68
N GLU A 265 -29.53 1.55 5.34
CA GLU A 265 -28.09 1.64 5.10
C GLU A 265 -27.28 1.58 6.40
N ARG A 266 -27.79 2.20 7.46
CA ARG A 266 -27.11 2.17 8.78
C ARG A 266 -26.80 0.76 9.26
N LYS A 267 -27.68 -0.20 8.95
CA LYS A 267 -27.44 -1.60 9.30
C LYS A 267 -26.18 -2.15 8.68
N TYR A 268 -25.80 -1.59 7.53
CA TYR A 268 -24.63 -2.05 6.81
C TYR A 268 -23.39 -1.18 7.05
N VAL A 269 -23.60 0.12 7.23
CA VAL A 269 -22.49 1.08 7.27
C VAL A 269 -22.15 1.64 8.65
N THR A 270 -23.11 1.69 9.58
CA THR A 270 -22.85 2.24 10.90
C THR A 270 -22.23 1.15 11.80
N PRO A 271 -21.08 1.43 12.44
CA PRO A 271 -20.47 0.37 13.29
C PRO A 271 -21.35 -0.08 14.43
N LYS A 272 -21.33 -1.39 14.67
CA LYS A 272 -22.08 -2.02 15.78
C LYS A 272 -21.15 -2.59 16.85
N THR A 273 -19.92 -2.88 16.47
CA THR A 273 -19.03 -3.60 17.34
C THR A 273 -17.64 -2.96 17.24
N ALA A 274 -16.75 -3.32 18.14
CA ALA A 274 -15.43 -2.69 18.19
C ALA A 274 -14.65 -2.95 16.91
N LEU A 275 -14.72 -4.19 16.40
CA LEU A 275 -13.92 -4.54 15.24
C LEU A 275 -14.52 -4.05 13.92
N ASP A 276 -15.69 -3.40 13.96
CA ASP A 276 -16.23 -2.74 12.76
C ASP A 276 -15.47 -1.47 12.40
N GLU A 277 -14.66 -0.95 13.31
CA GLU A 277 -14.02 0.34 13.06
C GLU A 277 -12.93 0.18 12.01
N CYS A 278 -12.58 1.29 11.38
CA CYS A 278 -11.46 1.30 10.45
C CYS A 278 -10.15 1.49 11.18
N VAL A 279 -9.06 1.08 10.52
CA VAL A 279 -7.71 1.15 11.04
C VAL A 279 -6.73 1.48 9.91
N GLY A 280 -5.54 1.96 10.26
CA GLY A 280 -4.48 2.16 9.28
C GLY A 280 -3.10 2.12 9.86
N PHE A 281 -2.10 2.04 8.99
CA PHE A 281 -0.72 2.21 9.42
C PHE A 281 0.15 2.73 8.29
N THR A 282 1.32 3.21 8.66
CA THR A 282 2.28 3.72 7.69
C THR A 282 3.51 2.86 7.69
N VAL A 283 4.24 2.95 6.58
CA VAL A 283 5.49 2.22 6.39
C VAL A 283 6.65 3.16 6.75
N PRO A 284 7.83 2.58 7.06
CA PRO A 284 9.00 3.40 7.42
C PRO A 284 9.50 4.34 6.31
N LEU A 285 10.20 5.40 6.73
CA LEU A 285 10.96 6.26 5.82
C LEU A 285 12.33 5.59 5.62
N LEU A 286 12.65 5.26 4.38
CA LEU A 286 13.86 4.51 4.06
C LEU A 286 14.92 5.46 3.53
N THR A 287 16.04 5.52 4.23
CA THR A 287 17.20 6.25 3.75
C THR A 287 18.42 5.38 3.91
N ASP A 288 19.47 5.71 3.19
CA ASP A 288 20.73 5.10 3.50
C ASP A 288 21.46 5.97 4.52
N SER A 289 22.62 5.50 4.92
CA SER A 289 23.43 6.11 5.93
C SER A 289 24.07 7.42 5.48
N SER A 290 23.96 7.77 4.20
CA SER A 290 24.36 9.07 3.68
C SER A 290 23.17 10.03 3.55
N GLY A 291 21.98 9.55 3.86
CA GLY A 291 20.79 10.39 3.87
C GLY A 291 20.00 10.35 2.57
N ALA A 292 20.43 9.53 1.61
CA ALA A 292 19.75 9.43 0.33
C ALA A 292 18.39 8.76 0.52
N LYS A 293 17.37 9.33 -0.11
CA LYS A 293 16.03 8.74 -0.07
C LYS A 293 16.01 7.46 -0.90
N PHE A 294 15.42 6.42 -0.35
CA PHE A 294 15.31 5.17 -1.07
C PHE A 294 14.61 5.39 -2.42
N GLY A 295 15.21 4.90 -3.49
CA GLY A 295 14.65 5.03 -4.83
C GLY A 295 15.15 6.23 -5.61
N LYS A 296 16.01 7.03 -4.99
CA LYS A 296 16.69 8.12 -5.68
C LYS A 296 18.15 7.75 -5.85
N SER A 297 18.62 7.83 -7.09
CA SER A 297 20.00 7.56 -7.45
C SER A 297 20.56 8.74 -8.26
N ALA A 298 21.56 9.41 -7.67
CA ALA A 298 21.97 10.74 -8.12
C ALA A 298 20.76 11.68 -7.94
N GLY A 299 20.54 12.59 -8.88
CA GLY A 299 19.34 13.43 -8.85
C GLY A 299 18.24 12.84 -9.70
N ASN A 300 17.90 11.58 -9.45
CA ASN A 300 16.91 10.92 -10.30
C ASN A 300 16.26 9.71 -9.64
N ALA A 301 14.98 9.55 -9.91
CA ALA A 301 14.22 8.43 -9.41
C ALA A 301 14.55 7.20 -10.24
N ILE A 302 14.36 6.05 -9.61
CA ILE A 302 14.51 4.75 -10.25
C ILE A 302 13.10 4.35 -10.65
N TRP A 303 12.77 4.58 -11.91
CA TRP A 303 11.40 4.44 -12.38
C TRP A 303 11.07 2.96 -12.68
N LEU A 304 9.79 2.60 -12.55
CA LEU A 304 9.32 1.26 -12.91
C LEU A 304 9.19 1.08 -14.41
N ASP A 305 9.09 2.19 -15.13
CA ASP A 305 9.01 2.20 -16.59
C ASP A 305 10.41 2.00 -17.20
N PRO A 306 10.62 0.89 -17.94
CA PRO A 306 11.92 0.62 -18.58
C PRO A 306 12.34 1.69 -19.57
N TYR A 307 11.37 2.42 -20.11
CA TYR A 307 11.67 3.49 -21.04
C TYR A 307 12.23 4.74 -20.37
N GLN A 308 12.08 4.85 -19.05
CA GLN A 308 12.67 5.93 -18.26
C GLN A 308 13.91 5.47 -17.52
N THR A 309 13.86 4.27 -16.94
CA THR A 309 15.01 3.67 -16.27
C THR A 309 15.20 2.28 -16.82
N SER A 310 16.31 2.04 -17.51
CA SER A 310 16.55 0.73 -18.11
C SER A 310 16.50 -0.34 -17.02
N VAL A 311 16.19 -1.57 -17.43
CA VAL A 311 16.16 -2.70 -16.50
C VAL A 311 17.53 -2.87 -15.86
N PHE A 312 18.58 -2.72 -16.68
CA PHE A 312 19.97 -2.83 -16.21
C PHE A 312 20.24 -1.82 -15.10
N ASP A 313 19.81 -0.58 -15.29
CA ASP A 313 20.00 0.47 -14.29
C ASP A 313 19.11 0.27 -13.06
N PHE A 314 17.94 -0.32 -13.26
CA PHE A 314 17.04 -0.69 -12.16
C PHE A 314 17.71 -1.75 -11.27
N TYR A 315 18.21 -2.81 -11.91
CA TYR A 315 18.94 -3.86 -11.23
C TYR A 315 20.17 -3.24 -10.54
N GLY A 316 20.85 -2.35 -11.27
CA GLY A 316 22.07 -1.69 -10.76
C GLY A 316 21.81 -0.98 -9.44
N TYR A 317 20.71 -0.26 -9.37
CA TYR A 317 20.34 0.43 -8.14
C TYR A 317 20.32 -0.51 -6.94
N PHE A 318 19.68 -1.66 -7.10
CA PHE A 318 19.58 -2.63 -6.01
C PHE A 318 20.87 -3.40 -5.73
N VAL A 319 21.66 -3.67 -6.74
CA VAL A 319 22.92 -4.38 -6.52
C VAL A 319 23.91 -3.51 -5.75
N ARG A 320 23.75 -2.19 -5.83
CA ARG A 320 24.60 -1.24 -5.12
C ARG A 320 24.14 -0.95 -3.68
N ARG A 321 23.07 -1.59 -3.21
CA ARG A 321 22.61 -1.36 -1.83
C ARG A 321 23.69 -1.78 -0.85
N SER A 322 23.73 -1.11 0.30
CA SER A 322 24.79 -1.34 1.28
C SER A 322 24.58 -2.66 2.03
N ASP A 323 25.69 -3.22 2.54
CA ASP A 323 25.64 -4.39 3.41
C ASP A 323 24.86 -4.13 4.70
N GLN A 324 24.93 -2.90 5.20
CA GLN A 324 24.21 -2.47 6.38
C GLN A 324 22.68 -2.57 6.23
N GLU A 325 22.17 -2.30 5.02
CA GLU A 325 20.74 -2.20 4.81
C GLU A 325 20.14 -3.39 4.06
N VAL A 326 20.96 -4.25 3.47
CA VAL A 326 20.45 -5.23 2.49
C VAL A 326 19.45 -6.26 3.07
N GLU A 327 19.68 -6.74 4.30
CA GLU A 327 18.75 -7.70 4.89
C GLU A 327 17.38 -7.07 5.12
N ASN A 328 17.39 -5.85 5.63
CA ASN A 328 16.17 -5.09 5.82
C ASN A 328 15.42 -4.93 4.52
N LEU A 329 16.15 -4.65 3.44
CA LEU A 329 15.51 -4.45 2.13
C LEU A 329 15.00 -5.76 1.52
N LEU A 330 15.69 -6.86 1.79
CA LEU A 330 15.19 -8.19 1.36
C LEU A 330 13.84 -8.49 2.01
N LYS A 331 13.71 -8.16 3.29
CA LYS A 331 12.45 -8.36 4.01
C LYS A 331 11.35 -7.46 3.45
N LEU A 332 11.67 -6.20 3.18
CA LEU A 332 10.67 -5.26 2.74
C LEU A 332 10.22 -5.47 1.31
N PHE A 333 11.17 -5.75 0.41
CA PHE A 333 10.93 -5.66 -1.04
C PHE A 333 10.87 -6.98 -1.79
N THR A 334 10.82 -8.09 -1.04
CA THR A 334 10.69 -9.43 -1.61
C THR A 334 9.65 -10.24 -0.85
N PHE A 335 9.26 -11.34 -1.48
CA PHE A 335 8.32 -12.27 -0.87
C PHE A 335 9.06 -13.51 -0.35
N MET A 336 10.39 -13.39 -0.21
CA MET A 336 11.19 -14.47 0.33
C MET A 336 10.76 -14.75 1.76
N PRO A 337 10.47 -16.02 2.08
CA PRO A 337 10.31 -16.37 3.49
C PRO A 337 11.54 -15.94 4.30
N ILE A 338 11.32 -15.61 5.57
CA ILE A 338 12.38 -15.24 6.48
C ILE A 338 13.51 -16.28 6.50
N SER A 339 13.17 -17.56 6.52
CA SER A 339 14.20 -18.62 6.47
C SER A 339 15.07 -18.52 5.22
N GLU A 340 14.51 -18.12 4.08
CA GLU A 340 15.30 -18.00 2.87
C GLU A 340 16.26 -16.81 2.95
N ILE A 341 15.75 -15.72 3.49
CA ILE A 341 16.56 -14.51 3.69
C ILE A 341 17.70 -14.81 4.68
N THR A 342 17.39 -15.56 5.73
CA THR A 342 18.43 -15.93 6.71
C THR A 342 19.56 -16.74 6.02
N LYS A 343 19.19 -17.64 5.14
CA LYS A 343 20.19 -18.47 4.43
C LYS A 343 21.02 -17.62 3.48
N THR A 344 20.36 -16.73 2.75
CA THR A 344 21.07 -15.77 1.89
C THR A 344 22.11 -14.95 2.66
N MET A 345 21.71 -14.41 3.80
CA MET A 345 22.64 -13.62 4.62
C MET A 345 23.79 -14.48 5.18
N GLU A 346 23.47 -15.71 5.54
CA GLU A 346 24.50 -16.66 5.92
C GLU A 346 25.52 -16.82 4.80
N GLU A 347 25.06 -16.97 3.55
CA GLU A 347 26.01 -17.10 2.42
C GLU A 347 26.75 -15.80 2.21
N HIS A 348 26.02 -14.68 2.33
CA HIS A 348 26.55 -13.35 2.03
C HIS A 348 27.71 -12.95 2.93
N ILE A 349 27.61 -13.25 4.22
CA ILE A 349 28.67 -12.83 5.13
C ILE A 349 29.95 -13.65 4.99
N LYS A 350 29.93 -14.77 4.26
CA LYS A 350 31.16 -15.49 3.96
C LYS A 350 32.12 -14.63 3.14
N ASP A 351 31.57 -13.78 2.27
CA ASP A 351 32.34 -12.86 1.45
C ASP A 351 31.43 -11.77 0.88
N PRO A 352 31.18 -10.71 1.66
CA PRO A 352 30.32 -9.63 1.24
C PRO A 352 30.70 -9.02 -0.12
N SER A 353 31.98 -8.96 -0.44
CA SER A 353 32.42 -8.39 -1.72
C SER A 353 31.77 -9.04 -2.94
N LYS A 354 31.29 -10.28 -2.80
CA LYS A 354 30.61 -10.94 -3.90
C LYS A 354 29.20 -10.40 -4.12
N ARG A 355 28.69 -9.63 -3.17
CA ARG A 355 27.35 -9.01 -3.28
C ARG A 355 26.24 -10.04 -3.52
N VAL A 356 26.35 -11.20 -2.87
CA VAL A 356 25.32 -12.23 -2.96
C VAL A 356 23.95 -11.68 -2.51
N ALA A 357 23.91 -10.97 -1.39
CA ALA A 357 22.65 -10.46 -0.84
C ALA A 357 22.05 -9.44 -1.79
N GLN A 358 22.89 -8.57 -2.33
CA GLN A 358 22.42 -7.50 -3.20
C GLN A 358 21.98 -8.00 -4.56
N HIS A 359 22.67 -9.02 -5.09
CA HIS A 359 22.27 -9.62 -6.34
C HIS A 359 20.93 -10.32 -6.15
N THR A 360 20.74 -10.92 -4.97
CA THR A 360 19.47 -11.54 -4.60
C THR A 360 18.35 -10.51 -4.51
N LEU A 361 18.59 -9.41 -3.80
CA LEU A 361 17.62 -8.32 -3.76
C LEU A 361 17.25 -7.82 -5.16
N ALA A 362 18.28 -7.51 -5.97
CA ALA A 362 18.09 -7.08 -7.36
C ALA A 362 17.26 -8.07 -8.17
N ARG A 363 17.63 -9.34 -8.10
CA ARG A 363 16.92 -10.37 -8.84
C ARG A 363 15.45 -10.39 -8.42
N GLU A 364 15.20 -10.38 -7.12
CA GLU A 364 13.83 -10.46 -6.64
C GLU A 364 13.00 -9.23 -7.01
N VAL A 365 13.56 -8.03 -6.89
CA VAL A 365 12.76 -6.84 -7.19
C VAL A 365 12.56 -6.67 -8.70
N VAL A 366 13.61 -6.87 -9.48
CA VAL A 366 13.49 -6.85 -10.93
C VAL A 366 12.49 -7.92 -11.39
N THR A 367 12.49 -9.07 -10.74
CA THR A 367 11.59 -10.15 -11.13
C THR A 367 10.15 -9.69 -10.91
N LEU A 368 9.87 -9.06 -9.78
CA LEU A 368 8.53 -8.50 -9.51
C LEU A 368 8.12 -7.41 -10.51
N VAL A 369 9.02 -6.48 -10.83
CA VAL A 369 8.64 -5.34 -11.66
C VAL A 369 8.73 -5.63 -13.16
N HIS A 370 9.79 -6.33 -13.55
CA HIS A 370 10.09 -6.57 -14.94
C HIS A 370 10.00 -8.02 -15.41
N GLY A 371 9.85 -8.96 -14.48
CA GLY A 371 9.77 -10.39 -14.84
C GLY A 371 11.10 -11.12 -14.77
N LYS A 372 10.99 -12.45 -14.66
CA LYS A 372 12.15 -13.30 -14.40
C LYS A 372 13.17 -13.29 -15.54
N GLN A 373 12.68 -13.17 -16.76
CA GLN A 373 13.54 -13.18 -17.95
C GLN A 373 14.43 -11.94 -17.97
N GLU A 374 13.80 -10.79 -17.78
CA GLU A 374 14.53 -9.53 -17.70
C GLU A 374 15.50 -9.57 -16.52
N ALA A 375 15.06 -10.13 -15.40
CA ALA A 375 15.91 -10.27 -14.21
C ALA A 375 17.18 -11.09 -14.50
N SER A 376 17.01 -12.22 -15.17
CA SER A 376 18.13 -13.10 -15.51
C SER A 376 19.13 -12.38 -16.42
N ALA A 377 18.63 -11.71 -17.46
CA ALA A 377 19.49 -10.99 -18.41
C ALA A 377 20.25 -9.88 -17.70
N ALA A 378 19.60 -9.19 -16.77
CA ALA A 378 20.22 -8.05 -16.09
C ALA A 378 21.33 -8.56 -15.17
N GLU A 379 21.06 -9.67 -14.50
CA GLU A 379 22.05 -10.27 -13.63
C GLU A 379 23.27 -10.70 -14.44
N ASP A 380 23.02 -11.31 -15.59
CA ASP A 380 24.12 -11.71 -16.48
C ASP A 380 24.97 -10.50 -16.82
N GLN A 381 24.30 -9.39 -17.11
CA GLN A 381 25.02 -8.17 -17.47
C GLN A 381 25.82 -7.62 -16.29
N HIS A 382 25.23 -7.65 -15.10
CA HIS A 382 25.90 -7.15 -13.89
C HIS A 382 26.98 -8.10 -13.36
N ARG A 383 27.07 -9.31 -13.92
CA ARG A 383 28.19 -10.21 -13.62
C ARG A 383 29.30 -10.21 -14.67
N MET A 384 29.19 -9.32 -15.65
CA MET A 384 30.25 -9.15 -16.63
CA MET A 384 30.25 -9.11 -16.64
C MET A 384 31.42 -8.44 -15.94
N MET A 385 32.60 -8.54 -16.53
CA MET A 385 33.80 -7.95 -15.92
C MET A 385 33.81 -6.43 -15.90
N TYR A 386 32.91 -5.80 -16.65
CA TYR A 386 32.71 -4.35 -16.57
C TYR A 386 31.22 -4.05 -16.50
N THR A 387 30.80 -3.26 -15.52
CA THR A 387 29.39 -2.94 -15.32
C THR A 387 29.08 -1.45 -15.16
N GLY A 388 30.10 -0.59 -15.30
CA GLY A 388 29.90 0.85 -15.29
C GLY A 388 30.04 1.54 -13.95
N GLN A 389 30.42 2.82 -14.02
CA GLN A 389 30.47 3.71 -12.85
C GLN A 389 29.95 5.10 -13.25
N MET A 390 28.63 5.25 -13.48
CA MET A 390 27.63 4.17 -13.37
C MET A 390 26.75 4.15 -14.63
N TYR B . -1.95 11.21 -0.28
CA TYR B . -1.12 10.09 -0.83
C TYR B . 0.24 10.62 -1.31
O TYR B . 0.30 11.51 -2.18
CB TYR B . -1.83 9.39 -1.98
CG TYR B . -3.29 9.05 -1.72
CD1 TYR B . -3.66 8.19 -0.67
CD2 TYR B . -4.31 9.57 -2.52
CE1 TYR B . -5.00 7.87 -0.42
CE2 TYR B . -5.64 9.26 -2.28
CZ TYR B . -5.99 8.41 -1.25
OH TYR B . -7.32 8.12 -1.04
OXT TYR B . 1.29 10.19 -0.86
#